data_6APG
#
_entry.id   6APG
#
_cell.length_a   104.670
_cell.length_b   104.670
_cell.length_c   138.630
_cell.angle_alpha   90.000
_cell.angle_beta   90.000
_cell.angle_gamma   90.000
#
_symmetry.space_group_name_H-M   'P 43 21 2'
#
loop_
_entity.id
_entity.type
_entity.pdbx_description
1 polymer 'DisD protein'
2 non-polymer 'MALONATE ION'
3 non-polymer GLYCEROL
4 non-polymer 'SULFATE ION'
5 non-polymer 'CALCIUM ION'
6 water water
#
_entity_poly.entity_id   1
_entity_poly.type   'polypeptide(L)'
_entity_poly.pdbx_seq_one_letter_code
;MKAYMFPGQGSQAKGMGRALFDAFPALTARADGVLGYSIRALCQDDPDQRLSQTQFTQPALYVVNALSYLKRREEEAPPD
FLAGHSLGEFSALFAAGVFDFETGLALVKKRGELMGDARGGGMAAVIGLDEERVRELLDQNGATAVDIANLNSPSQVVIS
GAKDEIARLQVPFEAAGAKKYTVLRVSAAFHSRFMRPAMVEFGRFLEGYDFAPPKIPVISNVTARPCKADGIRAALSEQI
ASPVRWCESIRYLMGRGVEEFVECGHGIVLTGLYAQIRRDA
;
_entity_poly.pdbx_strand_id   A,B
#
loop_
_chem_comp.id
_chem_comp.type
_chem_comp.name
_chem_comp.formula
CA non-polymer 'CALCIUM ION' 'Ca 2'
GOL non-polymer GLYCEROL 'C3 H8 O3'
MLI non-polymer 'MALONATE ION' 'C3 H2 O4 -2'
SO4 non-polymer 'SULFATE ION' 'O4 S -2'
#
# COMPACT_ATOMS: atom_id res chain seq x y z
N MET A 1 -26.31 4.75 -12.40
CA MET A 1 -25.17 5.12 -11.54
C MET A 1 -24.40 6.28 -12.15
N LYS A 2 -23.70 7.01 -11.27
CA LYS A 2 -23.10 8.29 -11.58
C LYS A 2 -21.67 8.39 -11.03
N ALA A 3 -20.74 8.94 -11.82
CA ALA A 3 -19.38 9.26 -11.34
C ALA A 3 -19.05 10.74 -11.50
N TYR A 4 -18.33 11.30 -10.54
CA TYR A 4 -17.77 12.66 -10.65
C TYR A 4 -16.28 12.60 -11.01
N MET A 5 -15.91 13.40 -12.01
CA MET A 5 -14.55 13.49 -12.52
C MET A 5 -13.97 14.86 -12.15
N PHE A 6 -12.83 14.87 -11.47
CA PHE A 6 -12.18 16.10 -10.99
C PHE A 6 -10.96 16.48 -11.86
N PRO A 7 -10.97 17.69 -12.46
CA PRO A 7 -9.86 18.04 -13.36
C PRO A 7 -8.56 18.42 -12.65
N GLY A 8 -7.46 18.35 -13.39
CA GLY A 8 -6.14 18.67 -12.86
C GLY A 8 -5.48 19.79 -13.66
N GLN A 9 -4.16 19.85 -13.59
CA GLN A 9 -3.36 20.90 -14.22
C GLN A 9 -3.63 20.96 -15.71
N GLY A 10 -3.74 22.17 -16.24
CA GLY A 10 -4.12 22.38 -17.63
C GLY A 10 -5.54 22.92 -17.77
N SER A 11 -6.39 22.69 -16.76
CA SER A 11 -7.78 23.13 -16.83
C SER A 11 -8.05 24.48 -16.14
N GLN A 12 -7.06 25.02 -15.42
CA GLN A 12 -7.21 26.32 -14.73
C GLN A 12 -7.42 27.48 -15.69
N ALA A 13 -8.10 28.52 -15.22
CA ALA A 13 -8.26 29.75 -15.99
C ALA A 13 -8.50 30.94 -15.06
N LYS A 14 -8.02 32.11 -15.47
CA LYS A 14 -8.30 33.35 -14.74
C LYS A 14 -9.81 33.57 -14.63
N GLY A 15 -10.26 33.91 -13.43
CA GLY A 15 -11.67 34.12 -13.14
C GLY A 15 -12.41 32.92 -12.57
N MET A 16 -11.78 31.74 -12.58
CA MET A 16 -12.43 30.51 -12.13
C MET A 16 -12.83 30.56 -10.66
N GLY A 17 -13.98 29.96 -10.35
CA GLY A 17 -14.46 29.79 -8.98
C GLY A 17 -15.19 30.97 -8.35
N ARG A 18 -15.34 32.07 -9.07
CA ARG A 18 -15.85 33.33 -8.49
C ARG A 18 -17.09 33.12 -7.63
N ALA A 19 -18.11 32.53 -8.22
CA ALA A 19 -19.37 32.23 -7.51
C ALA A 19 -19.24 31.27 -6.33
N LEU A 20 -18.28 30.34 -6.42
CA LEU A 20 -18.03 29.37 -5.34
C LEU A 20 -17.39 30.03 -4.11
N PHE A 21 -16.42 30.93 -4.34
CA PHE A 21 -15.83 31.70 -3.23
C PHE A 21 -16.90 32.49 -2.45
N ASP A 22 -17.80 33.15 -3.20
CA ASP A 22 -18.96 33.88 -2.63
C ASP A 22 -19.84 32.98 -1.76
N ALA A 23 -20.08 31.76 -2.22
CA ALA A 23 -20.97 30.81 -1.55
C ALA A 23 -20.35 30.03 -0.39
N PHE A 24 -19.01 29.94 -0.34
CA PHE A 24 -18.31 29.15 0.68
C PHE A 24 -17.22 29.98 1.35
N PRO A 25 -17.63 31.02 2.12
CA PRO A 25 -16.63 31.88 2.75
C PRO A 25 -15.78 31.19 3.83
N ALA A 26 -16.38 30.27 4.59
CA ALA A 26 -15.62 29.58 5.64
C ALA A 26 -14.45 28.79 5.05
N LEU A 27 -14.71 28.05 3.97
CA LEU A 27 -13.66 27.27 3.32
C LEU A 27 -12.64 28.16 2.59
N THR A 28 -13.12 29.28 2.04
CA THR A 28 -12.23 30.27 1.43
C THR A 28 -11.24 30.81 2.46
N ALA A 29 -11.73 31.21 3.64
CA ALA A 29 -10.85 31.70 4.72
C ALA A 29 -9.91 30.61 5.26
N ARG A 30 -10.43 29.40 5.41
CA ARG A 30 -9.60 28.26 5.86
C ARG A 30 -8.50 27.94 4.85
N ALA A 31 -8.81 28.04 3.56
CA ALA A 31 -7.82 27.85 2.51
C ALA A 31 -6.69 28.87 2.59
N ASP A 32 -7.06 30.14 2.80
CA ASP A 32 -6.11 31.23 2.97
C ASP A 32 -5.16 30.92 4.13
N GLY A 33 -5.70 30.37 5.21
CA GLY A 33 -4.93 29.97 6.39
C GLY A 33 -3.82 28.97 6.09
N VAL A 34 -4.12 27.99 5.23
CA VAL A 34 -3.11 27.00 4.83
C VAL A 34 -2.07 27.64 3.89
N LEU A 35 -2.53 28.43 2.93
CA LEU A 35 -1.69 28.93 1.85
C LEU A 35 -0.91 30.21 2.18
N GLY A 36 -1.46 31.07 3.04
CA GLY A 36 -0.84 32.35 3.38
C GLY A 36 -1.03 33.47 2.37
N TYR A 37 -1.91 33.28 1.40
CA TYR A 37 -2.32 34.35 0.48
C TYR A 37 -3.83 34.23 0.23
N SER A 38 -4.43 35.23 -0.41
CA SER A 38 -5.83 35.14 -0.81
C SER A 38 -6.00 34.19 -1.99
N ILE A 39 -6.65 33.06 -1.75
CA ILE A 39 -7.00 32.11 -2.80
C ILE A 39 -7.95 32.73 -3.85
N ARG A 40 -8.88 33.58 -3.40
CA ARG A 40 -9.78 34.24 -4.35
C ARG A 40 -8.99 35.14 -5.30
N ALA A 41 -8.07 35.95 -4.77
CA ALA A 41 -7.24 36.83 -5.61
C ALA A 41 -6.40 36.06 -6.62
N LEU A 42 -5.80 34.95 -6.19
CA LEU A 42 -5.06 34.10 -7.13
C LEU A 42 -5.93 33.70 -8.33
N CYS A 43 -7.12 33.17 -8.05
CA CYS A 43 -8.01 32.67 -9.09
C CYS A 43 -8.64 33.76 -9.95
N GLN A 44 -9.11 34.83 -9.32
CA GLN A 44 -9.82 35.89 -10.06
C GLN A 44 -8.88 36.84 -10.80
N ASP A 45 -7.80 37.28 -10.14
CA ASP A 45 -6.89 38.29 -10.71
C ASP A 45 -5.67 37.71 -11.42
N ASP A 46 -5.25 36.50 -11.05
CA ASP A 46 -4.08 35.83 -11.64
C ASP A 46 -2.84 36.75 -11.62
N PRO A 47 -2.43 37.21 -10.41
CA PRO A 47 -1.31 38.14 -10.32
C PRO A 47 -0.02 37.49 -10.80
N ASP A 48 0.67 38.17 -11.71
CA ASP A 48 1.93 37.71 -12.32
C ASP A 48 1.85 36.30 -12.91
N GLN A 49 0.70 35.98 -13.50
CA GLN A 49 0.46 34.68 -14.14
C GLN A 49 0.81 33.49 -13.23
N ARG A 50 0.62 33.65 -11.91
CA ARG A 50 0.94 32.59 -10.95
C ARG A 50 0.09 31.34 -11.16
N LEU A 51 -1.08 31.50 -11.75
CA LEU A 51 -1.98 30.38 -12.03
C LEU A 51 -1.38 29.32 -12.98
N SER A 52 -0.42 29.72 -13.81
CA SER A 52 0.33 28.80 -14.66
C SER A 52 1.58 28.21 -13.99
N GLN A 53 1.92 28.64 -12.76
CA GLN A 53 3.02 28.08 -11.99
C GLN A 53 2.46 27.01 -11.05
N THR A 54 2.96 25.79 -11.19
CA THR A 54 2.37 24.59 -10.58
C THR A 54 2.22 24.64 -9.05
N GLN A 55 3.16 25.27 -8.35
CA GLN A 55 3.02 25.43 -6.88
C GLN A 55 1.81 26.29 -6.46
N PHE A 56 1.26 27.09 -7.38
CA PHE A 56 -0.01 27.81 -7.17
C PHE A 56 -1.19 27.19 -7.93
N THR A 57 -0.94 26.65 -9.12
CA THR A 57 -1.97 25.95 -9.89
C THR A 57 -2.66 24.87 -9.07
N GLN A 58 -1.87 24.08 -8.35
CA GLN A 58 -2.40 22.91 -7.68
C GLN A 58 -3.35 23.28 -6.51
N PRO A 59 -2.92 24.18 -5.61
CA PRO A 59 -3.90 24.67 -4.63
C PRO A 59 -5.17 25.31 -5.23
N ALA A 60 -5.03 26.10 -6.30
CA ALA A 60 -6.18 26.75 -6.92
C ALA A 60 -7.22 25.74 -7.42
N LEU A 61 -6.73 24.73 -8.14
CA LEU A 61 -7.59 23.67 -8.67
C LEU A 61 -8.21 22.83 -7.57
N TYR A 62 -7.44 22.52 -6.53
CA TYR A 62 -7.97 21.78 -5.39
C TYR A 62 -9.16 22.48 -4.76
N VAL A 63 -9.00 23.79 -4.51
CA VAL A 63 -10.05 24.55 -3.84
C VAL A 63 -11.29 24.65 -4.74
N VAL A 64 -11.11 24.98 -6.01
CA VAL A 64 -12.26 25.11 -6.93
C VAL A 64 -12.98 23.77 -7.11
N ASN A 65 -12.22 22.68 -7.24
CA ASN A 65 -12.79 21.33 -7.32
C ASN A 65 -13.60 20.96 -6.08
N ALA A 66 -13.02 21.23 -4.90
CA ALA A 66 -13.65 20.89 -3.64
C ALA A 66 -14.97 21.66 -3.44
N LEU A 67 -14.94 22.96 -3.70
CA LEU A 67 -16.16 23.76 -3.58
C LEU A 67 -17.21 23.39 -4.64
N SER A 68 -16.76 23.01 -5.85
CA SER A 68 -17.68 22.55 -6.89
C SER A 68 -18.42 21.29 -6.44
N TYR A 69 -17.68 20.38 -5.79
CA TYR A 69 -18.26 19.16 -5.24
C TYR A 69 -19.31 19.44 -4.17
N LEU A 70 -18.99 20.32 -3.23
CA LEU A 70 -19.92 20.65 -2.14
C LEU A 70 -21.18 21.34 -2.67
N LYS A 71 -21.02 22.19 -3.69
CA LYS A 71 -22.19 22.76 -4.38
C LYS A 71 -23.07 21.66 -4.97
N ARG A 72 -22.47 20.71 -5.69
CA ARG A 72 -23.22 19.56 -6.21
C ARG A 72 -23.92 18.72 -5.14
N ARG A 73 -23.28 18.50 -3.99
CA ARG A 73 -23.91 17.73 -2.91
C ARG A 73 -25.12 18.41 -2.28
N GLU A 74 -25.14 19.75 -2.24
CA GLU A 74 -26.32 20.49 -1.79
C GLU A 74 -27.51 20.32 -2.75
N GLU A 75 -27.21 20.17 -4.04
CA GLU A 75 -28.20 20.29 -5.10
C GLU A 75 -28.64 18.97 -5.76
N GLU A 76 -27.85 17.89 -5.63
CA GLU A 76 -28.21 16.61 -6.24
C GLU A 76 -27.67 15.41 -5.45
N ALA A 77 -28.12 14.21 -5.82
CA ALA A 77 -27.81 12.99 -5.07
C ALA A 77 -26.32 12.68 -5.14
N PRO A 78 -25.77 12.03 -4.09
CA PRO A 78 -24.33 11.75 -4.10
C PRO A 78 -23.90 10.90 -5.29
N PRO A 79 -22.65 11.05 -5.73
CA PRO A 79 -22.15 10.17 -6.77
C PRO A 79 -21.89 8.76 -6.22
N ASP A 80 -21.83 7.79 -7.11
CA ASP A 80 -21.51 6.41 -6.73
C ASP A 80 -19.99 6.13 -6.78
N PHE A 81 -19.30 6.88 -7.62
CA PHE A 81 -17.85 6.75 -7.79
C PHE A 81 -17.23 8.11 -8.00
N LEU A 82 -15.95 8.20 -7.66
CA LEU A 82 -15.15 9.41 -7.83
C LEU A 82 -13.87 9.05 -8.57
N ALA A 83 -13.41 9.95 -9.43
CA ALA A 83 -12.09 9.82 -10.06
C ALA A 83 -11.54 11.21 -10.39
N GLY A 84 -10.26 11.40 -10.13
CA GLY A 84 -9.59 12.68 -10.36
C GLY A 84 -8.37 12.52 -11.23
N HIS A 85 -8.12 13.49 -12.11
CA HIS A 85 -6.94 13.48 -12.98
C HIS A 85 -5.75 14.15 -12.28
N SER A 86 -4.81 13.33 -11.80
CA SER A 86 -3.58 13.79 -11.10
C SER A 86 -3.87 14.65 -9.86
N LEU A 87 -3.77 15.98 -9.98
CA LEU A 87 -4.19 16.86 -8.88
C LEU A 87 -5.62 16.53 -8.44
N GLY A 88 -6.49 16.28 -9.42
CA GLY A 88 -7.86 15.87 -9.18
C GLY A 88 -8.09 14.78 -8.17
N GLU A 89 -7.16 13.83 -8.04
CA GLU A 89 -7.28 12.74 -7.06
C GLU A 89 -7.42 13.23 -5.63
N PHE A 90 -6.79 14.36 -5.33
CA PHE A 90 -6.81 14.91 -3.98
C PHE A 90 -8.21 15.44 -3.66
N SER A 91 -8.83 16.11 -4.62
CA SER A 91 -10.21 16.56 -4.45
C SER A 91 -11.20 15.39 -4.40
N ALA A 92 -10.94 14.33 -5.19
CA ALA A 92 -11.73 13.10 -5.09
C ALA A 92 -11.66 12.47 -3.69
N LEU A 93 -10.46 12.39 -3.12
CA LEU A 93 -10.28 11.83 -1.77
C LEU A 93 -10.88 12.72 -0.67
N PHE A 94 -10.79 14.03 -0.82
CA PHE A 94 -11.53 14.95 0.06
C PHE A 94 -13.02 14.69 0.04
N ALA A 95 -13.60 14.59 -1.17
CA ALA A 95 -15.01 14.27 -1.33
C ALA A 95 -15.42 12.95 -0.68
N ALA A 96 -14.51 11.96 -0.72
CA ALA A 96 -14.74 10.64 -0.14
C ALA A 96 -14.57 10.63 1.39
N GLY A 97 -14.12 11.75 1.98
CA GLY A 97 -13.94 11.83 3.44
C GLY A 97 -12.65 11.25 3.97
N VAL A 98 -11.65 11.07 3.09
CA VAL A 98 -10.37 10.45 3.49
C VAL A 98 -9.54 11.39 4.37
N PHE A 99 -9.65 12.69 4.10
CA PHE A 99 -9.05 13.72 4.92
C PHE A 99 -9.93 14.98 4.88
N ASP A 100 -9.72 15.89 5.83
CA ASP A 100 -10.45 17.17 5.84
C ASP A 100 -9.91 18.14 4.77
N PHE A 101 -10.62 19.25 4.57
CA PHE A 101 -10.30 20.24 3.54
C PHE A 101 -8.86 20.78 3.67
N GLU A 102 -8.47 21.13 4.89
CA GLU A 102 -7.14 21.69 5.20
C GLU A 102 -6.01 20.72 4.91
N THR A 103 -6.20 19.48 5.31
CA THR A 103 -5.19 18.43 5.11
C THR A 103 -4.95 18.22 3.62
N GLY A 104 -6.02 17.99 2.86
CA GLY A 104 -5.92 17.85 1.41
C GLY A 104 -5.18 19.00 0.78
N LEU A 105 -5.50 20.22 1.21
CA LEU A 105 -4.83 21.41 0.70
C LEU A 105 -3.34 21.45 1.06
N ALA A 106 -3.01 21.06 2.28
CA ALA A 106 -1.60 20.96 2.69
C ALA A 106 -0.84 19.93 1.85
N LEU A 107 -1.50 18.81 1.52
CA LEU A 107 -0.88 17.79 0.65
C LEU A 107 -0.65 18.29 -0.78
N VAL A 108 -1.58 19.03 -1.36
CA VAL A 108 -1.39 19.55 -2.71
C VAL A 108 -0.40 20.71 -2.76
N LYS A 109 -0.33 21.50 -1.68
CA LYS A 109 0.70 22.54 -1.56
C LYS A 109 2.08 21.89 -1.61
N LYS A 110 2.27 20.83 -0.84
CA LYS A 110 3.53 20.06 -0.87
C LYS A 110 3.80 19.44 -2.24
N ARG A 111 2.76 18.84 -2.84
CA ARG A 111 2.87 18.27 -4.19
C ARG A 111 3.33 19.33 -5.20
N GLY A 112 2.75 20.52 -5.11
CA GLY A 112 3.13 21.63 -5.98
C GLY A 112 4.57 22.07 -5.79
N GLU A 113 5.04 22.09 -4.54
CA GLU A 113 6.43 22.42 -4.22
C GLU A 113 7.38 21.37 -4.79
N LEU A 114 7.08 20.09 -4.56
CA LEU A 114 7.91 19.01 -5.08
C LEU A 114 8.01 19.02 -6.60
N MET A 115 6.87 19.18 -7.26
CA MET A 115 6.84 19.19 -8.72
C MET A 115 7.42 20.47 -9.32
N GLY A 116 7.19 21.62 -8.68
CA GLY A 116 7.85 22.87 -9.07
C GLY A 116 9.36 22.86 -8.91
N ASP A 117 9.82 22.23 -7.84
CA ASP A 117 11.25 22.07 -7.60
C ASP A 117 11.91 20.95 -8.41
N ALA A 118 11.13 20.09 -9.08
CA ALA A 118 11.68 18.98 -9.87
C ALA A 118 12.50 19.47 -11.06
N ARG A 119 13.57 18.74 -11.38
CA ARG A 119 14.47 19.05 -12.48
C ARG A 119 14.78 17.81 -13.31
N GLY A 120 14.88 17.98 -14.63
CA GLY A 120 15.35 16.94 -15.53
C GLY A 120 14.22 16.40 -16.38
N GLY A 121 14.40 16.49 -17.69
CA GLY A 121 13.46 15.94 -18.65
C GLY A 121 12.31 16.88 -18.96
N GLY A 122 11.44 16.41 -19.85
CA GLY A 122 10.26 17.16 -20.25
C GLY A 122 9.12 16.26 -20.67
N MET A 123 8.08 16.88 -21.22
CA MET A 123 6.86 16.17 -21.60
C MET A 123 6.26 16.75 -22.89
N ALA A 124 5.50 15.93 -23.59
CA ALA A 124 4.76 16.36 -24.76
C ALA A 124 3.38 15.72 -24.82
N ALA A 125 2.36 16.53 -25.15
CA ALA A 125 0.99 16.05 -25.36
C ALA A 125 0.80 15.70 -26.82
N VAL A 126 0.25 14.52 -27.11
CA VAL A 126 0.07 14.04 -28.47
C VAL A 126 -1.41 13.80 -28.74
N ILE A 127 -1.92 14.36 -29.83
CA ILE A 127 -3.30 14.17 -30.24
C ILE A 127 -3.34 13.43 -31.57
N GLY A 128 -4.14 12.35 -31.62
CA GLY A 128 -4.45 11.66 -32.86
C GLY A 128 -3.85 10.27 -33.03
N LEU A 129 -3.09 9.79 -32.06
CA LEU A 129 -2.50 8.45 -32.12
C LEU A 129 -2.88 7.65 -30.89
N ASP A 130 -3.08 6.35 -31.06
CA ASP A 130 -3.37 5.48 -29.92
C ASP A 130 -2.07 5.02 -29.23
N GLU A 131 -2.25 4.40 -28.06
CA GLU A 131 -1.15 3.95 -27.22
C GLU A 131 -0.18 3.06 -27.98
N GLU A 132 -0.72 2.07 -28.70
CA GLU A 132 0.11 1.11 -29.45
C GLU A 132 0.99 1.83 -30.47
N ARG A 133 0.40 2.78 -31.18
CA ARG A 133 1.12 3.50 -32.22
C ARG A 133 2.21 4.38 -31.59
N VAL A 134 1.89 5.02 -30.48
CA VAL A 134 2.88 5.82 -29.74
C VAL A 134 4.07 4.95 -29.29
N ARG A 135 3.80 3.79 -28.67
CA ARG A 135 4.87 2.86 -28.24
C ARG A 135 5.75 2.41 -29.41
N GLU A 136 5.12 2.06 -30.51
CA GLU A 136 5.81 1.69 -31.75
C GLU A 136 6.75 2.82 -32.24
N LEU A 137 6.29 4.07 -32.18
CA LEU A 137 7.07 5.22 -32.63
C LEU A 137 8.29 5.52 -31.75
N LEU A 138 8.10 5.39 -30.44
CA LEU A 138 9.22 5.54 -29.49
C LEU A 138 10.33 4.53 -29.78
N ASP A 139 9.93 3.30 -30.06
CA ASP A 139 10.84 2.23 -30.45
C ASP A 139 11.57 2.49 -31.78
N GLN A 140 10.78 2.80 -32.79
CA GLN A 140 11.26 3.05 -34.14
C GLN A 140 12.28 4.20 -34.19
N ASN A 141 12.04 5.22 -33.37
CA ASN A 141 12.91 6.41 -33.30
C ASN A 141 13.97 6.35 -32.18
N GLY A 142 14.17 5.17 -31.58
CA GLY A 142 15.22 4.95 -30.58
C GLY A 142 15.16 5.79 -29.31
N ALA A 143 13.95 6.22 -28.94
CA ALA A 143 13.75 7.09 -27.78
C ALA A 143 13.60 6.26 -26.48
N THR A 144 14.70 5.63 -26.10
CA THR A 144 14.73 4.70 -24.95
C THR A 144 14.72 5.39 -23.59
N ALA A 145 14.82 6.73 -23.54
CA ALA A 145 14.60 7.51 -22.33
C ALA A 145 13.27 8.27 -22.33
N VAL A 146 12.29 7.81 -23.10
CA VAL A 146 10.95 8.40 -23.13
C VAL A 146 9.94 7.30 -22.90
N ASP A 147 8.91 7.59 -22.09
CA ASP A 147 7.82 6.67 -21.81
C ASP A 147 6.48 7.38 -21.91
N ILE A 148 5.41 6.59 -21.91
CA ILE A 148 4.06 7.14 -21.83
C ILE A 148 3.75 7.55 -20.39
N ALA A 149 3.39 8.82 -20.22
CA ALA A 149 3.09 9.43 -18.94
C ALA A 149 1.59 9.51 -18.63
N ASN A 150 0.76 9.87 -19.62
CA ASN A 150 -0.71 9.91 -19.44
C ASN A 150 -1.34 9.10 -20.57
N LEU A 151 -2.34 8.29 -20.20
CA LEU A 151 -3.25 7.70 -21.17
C LEU A 151 -4.61 8.34 -20.93
N ASN A 152 -4.90 9.40 -21.70
CA ASN A 152 -6.04 10.28 -21.42
C ASN A 152 -7.31 9.93 -22.20
N SER A 153 -7.15 9.54 -23.46
CA SER A 153 -8.25 8.98 -24.24
C SER A 153 -7.65 8.04 -25.30
N PRO A 154 -8.50 7.37 -26.10
CA PRO A 154 -7.93 6.49 -27.12
C PRO A 154 -7.05 7.19 -28.15
N SER A 155 -7.21 8.50 -28.31
CA SER A 155 -6.41 9.31 -29.23
C SER A 155 -5.66 10.46 -28.55
N GLN A 156 -5.48 10.39 -27.21
CA GLN A 156 -4.76 11.43 -26.49
C GLN A 156 -3.80 10.85 -25.45
N VAL A 157 -2.50 11.04 -25.71
CA VAL A 157 -1.43 10.46 -24.92
C VAL A 157 -0.42 11.56 -24.60
N VAL A 158 0.12 11.56 -23.38
CA VAL A 158 1.24 12.43 -23.00
C VAL A 158 2.48 11.54 -22.78
N ILE A 159 3.61 11.97 -23.36
CA ILE A 159 4.87 11.23 -23.23
C ILE A 159 5.80 12.06 -22.37
N SER A 160 6.79 11.39 -21.79
CA SER A 160 7.64 12.00 -20.79
C SER A 160 9.03 11.38 -20.80
N GLY A 161 10.06 12.21 -20.65
CA GLY A 161 11.42 11.71 -20.58
C GLY A 161 12.50 12.71 -20.94
N ALA A 162 13.61 12.20 -21.49
CA ALA A 162 14.76 13.05 -21.82
C ALA A 162 14.35 14.19 -22.74
N LYS A 163 14.75 15.41 -22.37
CA LYS A 163 14.39 16.63 -23.08
C LYS A 163 14.74 16.62 -24.59
N ASP A 164 15.97 16.19 -24.90
CA ASP A 164 16.44 16.12 -26.29
C ASP A 164 15.65 15.11 -27.13
N GLU A 165 15.23 14.02 -26.50
CA GLU A 165 14.40 13.01 -27.16
C GLU A 165 12.95 13.51 -27.36
N ILE A 166 12.39 14.17 -26.34
CA ILE A 166 11.07 14.83 -26.48
C ILE A 166 11.05 15.83 -27.65
N ALA A 167 12.11 16.62 -27.79
CA ALA A 167 12.22 17.57 -28.89
C ALA A 167 12.27 16.88 -30.26
N ARG A 168 13.14 15.89 -30.36
CA ARG A 168 13.42 15.18 -31.62
C ARG A 168 12.25 14.33 -32.13
N LEU A 169 11.36 13.89 -31.24
CA LEU A 169 10.21 13.06 -31.63
C LEU A 169 9.07 13.82 -32.33
N GLN A 170 9.05 15.16 -32.25
CA GLN A 170 7.92 15.95 -32.75
C GLN A 170 7.63 15.72 -34.22
N VAL A 171 8.62 15.91 -35.07
CA VAL A 171 8.42 15.79 -36.51
C VAL A 171 8.05 14.34 -36.89
N PRO A 172 8.79 13.32 -36.39
CA PRO A 172 8.36 11.94 -36.70
C PRO A 172 6.93 11.63 -36.25
N PHE A 173 6.53 12.08 -35.06
CA PHE A 173 5.14 11.91 -34.61
C PHE A 173 4.13 12.58 -35.55
N GLU A 174 4.40 13.83 -35.92
CA GLU A 174 3.56 14.56 -36.87
C GLU A 174 3.48 13.87 -38.24
N ALA A 175 4.61 13.37 -38.73
CA ALA A 175 4.65 12.62 -40.01
C ALA A 175 3.90 11.28 -39.93
N ALA A 176 3.85 10.66 -38.75
CA ALA A 176 3.09 9.43 -38.54
C ALA A 176 1.57 9.64 -38.42
N GLY A 177 1.12 10.90 -38.36
CA GLY A 177 -0.31 11.22 -38.34
C GLY A 177 -0.81 11.93 -37.09
N ALA A 178 0.06 12.26 -36.14
CA ALA A 178 -0.35 13.06 -34.99
C ALA A 178 -0.92 14.37 -35.48
N LYS A 179 -2.16 14.66 -35.08
CA LYS A 179 -2.82 15.91 -35.41
C LYS A 179 -2.18 17.09 -34.67
N LYS A 180 -1.63 16.83 -33.49
CA LYS A 180 -0.86 17.84 -32.75
C LYS A 180 0.18 17.18 -31.85
N TYR A 181 1.33 17.84 -31.72
CA TYR A 181 2.40 17.45 -30.81
C TYR A 181 2.88 18.73 -30.16
N THR A 182 2.73 18.82 -28.84
CA THR A 182 3.00 20.06 -28.10
C THR A 182 3.92 19.74 -26.93
N VAL A 183 5.13 20.30 -26.96
CA VAL A 183 6.04 20.20 -25.83
C VAL A 183 5.48 21.09 -24.73
N LEU A 184 5.25 20.50 -23.56
CA LEU A 184 4.60 21.20 -22.45
C LEU A 184 5.62 22.01 -21.65
N ARG A 185 5.12 23.07 -21.00
CA ARG A 185 5.94 23.90 -20.13
C ARG A 185 5.85 23.38 -18.69
N VAL A 186 6.71 22.42 -18.39
CA VAL A 186 6.76 21.77 -17.08
C VAL A 186 8.20 21.72 -16.58
N SER A 187 8.37 21.54 -15.28
CA SER A 187 9.70 21.50 -14.66
C SER A 187 10.53 20.28 -15.03
N ALA A 188 9.86 19.16 -15.29
CA ALA A 188 10.53 17.86 -15.37
C ALA A 188 9.69 16.81 -16.07
N ALA A 189 10.30 15.65 -16.30
CA ALA A 189 9.61 14.48 -16.85
C ALA A 189 8.74 13.78 -15.79
N PHE A 190 7.54 14.32 -15.57
CA PHE A 190 6.59 13.73 -14.62
C PHE A 190 6.07 12.38 -15.13
N HIS A 191 5.68 11.53 -14.18
CA HIS A 191 5.02 10.25 -14.43
C HIS A 191 5.90 9.17 -15.09
N SER A 192 7.20 9.26 -14.80
CA SER A 192 8.17 8.22 -15.14
C SER A 192 8.94 7.85 -13.86
N ARG A 193 9.55 6.65 -13.86
CA ARG A 193 10.43 6.24 -12.74
C ARG A 193 11.60 7.22 -12.50
N PHE A 194 11.87 8.09 -13.47
CA PHE A 194 12.68 9.28 -13.25
C PHE A 194 12.32 10.08 -11.98
N MET A 195 11.01 10.33 -11.76
CA MET A 195 10.53 11.09 -10.58
C MET A 195 10.55 10.31 -9.24
N ARG A 196 11.28 9.19 -9.18
CA ARG A 196 11.33 8.35 -7.99
C ARG A 196 11.79 9.09 -6.72
N PRO A 197 12.79 9.99 -6.83
CA PRO A 197 13.19 10.71 -5.62
C PRO A 197 12.05 11.56 -5.03
N ALA A 198 11.35 12.29 -5.90
CA ALA A 198 10.14 13.03 -5.49
C ALA A 198 9.06 12.11 -4.92
N MET A 199 8.87 10.95 -5.54
CA MET A 199 7.95 9.91 -5.03
C MET A 199 8.30 9.51 -3.59
N VAL A 200 9.57 9.22 -3.35
CA VAL A 200 10.05 8.80 -2.03
C VAL A 200 9.81 9.90 -0.99
N GLU A 201 10.20 11.14 -1.34
CA GLU A 201 9.99 12.29 -0.46
C GLU A 201 8.52 12.51 -0.10
N PHE A 202 7.66 12.45 -1.12
CA PHE A 202 6.22 12.63 -0.90
C PHE A 202 5.67 11.50 -0.01
N GLY A 203 6.09 10.26 -0.25
CA GLY A 203 5.71 9.14 0.59
C GLY A 203 6.05 9.33 2.05
N ARG A 204 7.28 9.80 2.31
CA ARG A 204 7.73 10.09 3.67
C ARG A 204 6.93 11.23 4.30
N PHE A 205 6.66 12.28 3.51
CA PHE A 205 5.80 13.39 3.96
C PHE A 205 4.43 12.88 4.42
N LEU A 206 3.84 11.98 3.64
CA LEU A 206 2.51 11.42 3.95
C LEU A 206 2.46 10.50 5.19
N GLU A 207 3.60 10.01 5.64
CA GLU A 207 3.65 9.23 6.90
C GLU A 207 3.18 10.04 8.11
N GLY A 208 3.40 11.35 8.09
CA GLY A 208 2.99 12.23 9.18
C GLY A 208 1.50 12.51 9.30
N TYR A 209 0.69 12.06 8.34
CA TYR A 209 -0.77 12.25 8.37
C TYR A 209 -1.51 10.95 8.71
N ASP A 210 -2.74 11.10 9.21
CA ASP A 210 -3.59 9.99 9.61
C ASP A 210 -4.85 10.06 8.74
N PHE A 211 -5.11 9.03 7.92
CA PHE A 211 -6.25 9.07 6.97
C PHE A 211 -7.45 8.23 7.41
N ALA A 212 -8.62 8.57 6.90
CA ALA A 212 -9.87 7.87 7.19
C ALA A 212 -10.30 7.06 5.97
N PRO A 213 -11.19 6.06 6.16
CA PRO A 213 -11.57 5.25 5.00
C PRO A 213 -12.48 6.01 4.02
N PRO A 214 -12.33 5.75 2.71
CA PRO A 214 -13.17 6.41 1.73
C PRO A 214 -14.63 5.98 1.87
N LYS A 215 -15.52 6.96 1.94
CA LYS A 215 -16.95 6.69 2.08
C LYS A 215 -17.59 6.46 0.72
N ILE A 216 -16.93 6.92 -0.33
CA ILE A 216 -17.33 6.67 -1.72
C ILE A 216 -16.05 6.19 -2.44
N PRO A 217 -16.15 5.12 -3.28
CA PRO A 217 -14.91 4.62 -3.92
C PRO A 217 -14.24 5.60 -4.89
N VAL A 218 -12.92 5.62 -4.85
CA VAL A 218 -12.10 6.54 -5.66
C VAL A 218 -11.22 5.67 -6.53
N ILE A 219 -11.26 5.87 -7.84
CA ILE A 219 -10.47 5.08 -8.79
C ILE A 219 -9.08 5.72 -8.93
N SER A 220 -8.05 4.94 -8.61
CA SER A 220 -6.66 5.40 -8.59
C SER A 220 -6.11 5.52 -10.01
N ASN A 221 -5.43 6.63 -10.28
CA ASN A 221 -4.66 6.84 -11.53
C ASN A 221 -3.59 5.76 -11.75
N VAL A 222 -3.00 5.24 -10.67
CA VAL A 222 -1.90 4.27 -10.77
C VAL A 222 -2.41 2.90 -11.22
N THR A 223 -3.53 2.43 -10.62
CA THR A 223 -4.04 1.07 -10.84
C THR A 223 -5.26 0.98 -11.75
N ALA A 224 -5.93 2.12 -12.00
CA ALA A 224 -7.25 2.14 -12.65
C ALA A 224 -8.30 1.25 -11.94
N ARG A 225 -8.12 1.08 -10.63
CA ARG A 225 -9.03 0.36 -9.74
C ARG A 225 -9.29 1.17 -8.46
N PRO A 226 -10.33 0.83 -7.69
CA PRO A 226 -10.59 1.59 -6.45
C PRO A 226 -9.38 1.63 -5.51
N CYS A 227 -9.12 2.78 -4.89
CA CYS A 227 -8.06 2.89 -3.89
C CYS A 227 -8.45 2.04 -2.71
N LYS A 228 -7.48 1.30 -2.17
CA LYS A 228 -7.68 0.58 -0.90
C LYS A 228 -7.53 1.56 0.26
N ALA A 229 -8.30 1.36 1.33
CA ALA A 229 -8.23 2.22 2.51
C ALA A 229 -6.83 2.26 3.14
N ASP A 230 -6.11 1.13 3.07
CA ASP A 230 -4.75 1.03 3.62
C ASP A 230 -3.63 1.43 2.64
N GLY A 231 -4.01 1.88 1.45
CA GLY A 231 -3.08 2.16 0.36
C GLY A 231 -3.10 3.59 -0.15
N ILE A 232 -3.60 4.52 0.67
CA ILE A 232 -3.71 5.94 0.27
C ILE A 232 -2.33 6.53 -0.06
N ARG A 233 -1.35 6.25 0.80
CA ARG A 233 0.00 6.82 0.62
C ARG A 233 0.68 6.32 -0.66
N ALA A 234 0.58 5.02 -0.93
CA ALA A 234 1.11 4.46 -2.18
C ALA A 234 0.40 5.04 -3.39
N ALA A 235 -0.93 5.17 -3.33
CA ALA A 235 -1.69 5.69 -4.45
C ALA A 235 -1.27 7.13 -4.80
N LEU A 236 -1.05 7.97 -3.79
CA LEU A 236 -0.71 9.38 -4.03
C LEU A 236 0.76 9.62 -4.33
N SER A 237 1.64 8.96 -3.57
CA SER A 237 3.09 9.10 -3.76
C SER A 237 3.57 8.47 -5.07
N GLU A 238 3.16 7.24 -5.36
CA GLU A 238 3.58 6.55 -6.59
C GLU A 238 3.01 7.15 -7.87
N GLN A 239 1.87 7.84 -7.73
CA GLN A 239 1.23 8.51 -8.85
C GLN A 239 2.17 9.44 -9.63
N ILE A 240 3.04 10.17 -8.94
CA ILE A 240 3.88 11.16 -9.62
C ILE A 240 5.03 10.53 -10.43
N ALA A 241 5.32 9.26 -10.17
CA ALA A 241 6.32 8.50 -10.91
C ALA A 241 5.74 7.34 -11.69
N SER A 242 4.43 7.34 -11.94
CA SER A 242 3.75 6.24 -12.65
C SER A 242 2.85 6.82 -13.74
N PRO A 243 2.60 6.03 -14.80
CA PRO A 243 1.67 6.49 -15.85
C PRO A 243 0.26 6.75 -15.31
N VAL A 244 -0.37 7.82 -15.78
CA VAL A 244 -1.72 8.19 -15.36
C VAL A 244 -2.69 7.42 -16.27
N ARG A 245 -3.35 6.41 -15.69
CA ARG A 245 -4.21 5.51 -16.44
C ARG A 245 -5.66 6.01 -16.43
N TRP A 246 -5.87 7.18 -17.02
CA TRP A 246 -7.17 7.85 -16.95
C TRP A 246 -8.21 7.18 -17.86
N CYS A 247 -7.83 6.92 -19.10
CA CYS A 247 -8.71 6.21 -20.03
C CYS A 247 -9.19 4.86 -19.46
N GLU A 248 -8.26 4.07 -18.92
CA GLU A 248 -8.63 2.79 -18.29
C GLU A 248 -9.56 2.94 -17.08
N SER A 249 -9.34 4.00 -16.28
CA SER A 249 -10.16 4.28 -15.12
C SER A 249 -11.63 4.54 -15.52
N ILE A 250 -11.82 5.34 -16.56
CA ILE A 250 -13.16 5.62 -17.10
C ILE A 250 -13.79 4.34 -17.67
N ARG A 251 -13.02 3.55 -18.42
CA ARG A 251 -13.52 2.27 -18.97
C ARG A 251 -13.89 1.28 -17.87
N TYR A 252 -13.10 1.24 -16.78
CA TYR A 252 -13.44 0.44 -15.60
C TYR A 252 -14.83 0.80 -15.07
N LEU A 253 -15.09 2.09 -14.87
CA LEU A 253 -16.39 2.57 -14.39
C LEU A 253 -17.54 2.25 -15.34
N MET A 254 -17.31 2.39 -16.65
CA MET A 254 -18.32 2.02 -17.65
C MET A 254 -18.63 0.52 -17.57
N GLY A 255 -17.60 -0.31 -17.45
CA GLY A 255 -17.76 -1.75 -17.23
C GLY A 255 -18.45 -2.18 -15.93
N ARG A 256 -18.32 -1.34 -14.88
CA ARG A 256 -19.06 -1.51 -13.60
C ARG A 256 -20.55 -1.16 -13.68
N GLY A 257 -20.98 -0.51 -14.76
CA GLY A 257 -22.36 -0.07 -14.95
C GLY A 257 -22.61 1.41 -14.73
N VAL A 258 -21.55 2.22 -14.66
CA VAL A 258 -21.74 3.68 -14.52
C VAL A 258 -22.13 4.24 -15.89
N GLU A 259 -23.26 4.93 -15.95
CA GLU A 259 -23.77 5.54 -17.19
C GLU A 259 -23.59 7.05 -17.26
N GLU A 260 -23.55 7.72 -16.11
CA GLU A 260 -23.45 9.17 -16.05
C GLU A 260 -22.10 9.61 -15.51
N PHE A 261 -21.39 10.42 -16.30
CA PHE A 261 -20.10 10.99 -15.91
C PHE A 261 -20.22 12.50 -15.93
N VAL A 262 -19.91 13.12 -14.80
CA VAL A 262 -20.08 14.56 -14.59
C VAL A 262 -18.74 15.16 -14.17
N GLU A 263 -18.34 16.22 -14.85
CA GLU A 263 -17.13 16.95 -14.48
C GLU A 263 -17.42 17.87 -13.30
N CYS A 264 -16.56 17.81 -12.29
CA CYS A 264 -16.75 18.52 -11.04
C CYS A 264 -15.55 19.40 -10.77
N GLY A 265 -15.68 20.68 -11.13
CA GLY A 265 -14.57 21.64 -11.17
C GLY A 265 -14.71 22.57 -12.37
N HIS A 266 -13.74 23.45 -12.56
CA HIS A 266 -13.79 24.42 -13.65
C HIS A 266 -13.47 23.76 -15.00
N GLY A 267 -14.23 24.15 -16.03
CA GLY A 267 -13.91 23.82 -17.42
C GLY A 267 -14.55 22.54 -17.90
N ILE A 268 -14.18 22.15 -19.12
CA ILE A 268 -14.76 20.98 -19.80
C ILE A 268 -13.73 19.97 -20.30
N VAL A 269 -12.52 19.99 -19.73
CA VAL A 269 -11.42 19.15 -20.20
C VAL A 269 -11.74 17.66 -20.09
N LEU A 270 -12.16 17.22 -18.91
CA LEU A 270 -12.49 15.81 -18.70
C LEU A 270 -13.78 15.41 -19.40
N THR A 271 -14.69 16.36 -19.61
CA THR A 271 -15.91 16.11 -20.39
C THR A 271 -15.57 15.74 -21.84
N GLY A 272 -14.63 16.47 -22.44
CA GLY A 272 -14.15 16.18 -23.79
C GLY A 272 -13.42 14.83 -23.89
N LEU A 273 -12.65 14.50 -22.86
CA LEU A 273 -11.98 13.19 -22.83
C LEU A 273 -13.02 12.09 -22.71
N TYR A 274 -14.00 12.27 -21.83
CA TYR A 274 -15.08 11.29 -21.68
C TYR A 274 -15.81 11.03 -23.02
N ALA A 275 -16.16 12.09 -23.74
CA ALA A 275 -16.83 11.93 -25.05
C ALA A 275 -16.02 11.01 -25.98
N GLN A 276 -14.70 11.17 -25.99
CA GLN A 276 -13.83 10.35 -26.83
C GLN A 276 -13.70 8.91 -26.35
N ILE A 277 -13.59 8.73 -25.03
CA ILE A 277 -13.52 7.39 -24.45
C ILE A 277 -14.83 6.64 -24.73
N ARG A 278 -15.96 7.31 -24.52
CA ARG A 278 -17.28 6.71 -24.72
C ARG A 278 -17.56 6.36 -26.19
N ARG A 279 -17.24 7.29 -27.08
CA ARG A 279 -17.34 7.10 -28.54
C ARG A 279 -16.60 5.84 -29.01
N ASP A 280 -15.41 5.59 -28.44
CA ASP A 280 -14.59 4.42 -28.79
C ASP A 280 -15.08 3.12 -28.11
N ALA A 281 -15.54 3.22 -26.87
CA ALA A 281 -15.99 2.04 -26.11
C ALA A 281 -17.35 1.56 -26.58
N MET B 1 25.75 -14.16 0.74
CA MET B 1 24.62 -13.38 1.31
C MET B 1 23.83 -14.20 2.33
N LYS B 2 23.21 -13.47 3.26
CA LYS B 2 22.65 -14.06 4.48
C LYS B 2 21.30 -13.43 4.83
N ALA B 3 20.34 -14.24 5.26
CA ALA B 3 19.05 -13.76 5.73
C ALA B 3 18.79 -14.19 7.18
N TYR B 4 18.18 -13.31 7.97
CA TYR B 4 17.70 -13.66 9.29
C TYR B 4 16.20 -13.94 9.26
N MET B 5 15.82 -15.05 9.90
CA MET B 5 14.43 -15.52 9.95
C MET B 5 13.93 -15.40 11.41
N PHE B 6 12.79 -14.72 11.59
CA PHE B 6 12.24 -14.46 12.92
C PHE B 6 11.00 -15.32 13.20
N PRO B 7 11.01 -16.13 14.28
CA PRO B 7 9.90 -17.05 14.52
C PRO B 7 8.66 -16.37 15.09
N GLY B 8 7.54 -17.08 15.00
CA GLY B 8 6.25 -16.58 15.45
C GLY B 8 5.61 -17.52 16.45
N GLN B 9 4.30 -17.37 16.61
CA GLN B 9 3.51 -18.17 17.56
C GLN B 9 3.71 -19.65 17.34
N GLY B 10 3.79 -20.39 18.43
CA GLY B 10 4.08 -21.82 18.39
C GLY B 10 5.54 -22.14 18.68
N SER B 11 6.44 -21.15 18.62
CA SER B 11 7.85 -21.35 18.92
C SER B 11 8.23 -20.98 20.37
N GLN B 12 7.30 -20.37 21.10
CA GLN B 12 7.54 -19.95 22.50
C GLN B 12 7.72 -21.12 23.45
N ALA B 13 8.46 -20.90 24.53
CA ALA B 13 8.63 -21.89 25.57
C ALA B 13 8.98 -21.20 26.87
N LYS B 14 8.46 -21.73 27.97
CA LYS B 14 8.84 -21.30 29.30
C LYS B 14 10.36 -21.32 29.43
N GLY B 15 10.92 -20.24 29.97
CA GLY B 15 12.36 -20.09 30.15
C GLY B 15 13.08 -19.35 29.03
N MET B 16 12.41 -19.10 27.91
CA MET B 16 13.01 -18.46 26.76
C MET B 16 13.52 -17.04 27.08
N GLY B 17 14.61 -16.67 26.43
CA GLY B 17 15.14 -15.30 26.48
C GLY B 17 15.92 -14.88 27.72
N ARG B 18 16.11 -15.79 28.67
CA ARG B 18 16.65 -15.40 29.98
C ARG B 18 17.96 -14.62 29.87
N ALA B 19 18.93 -15.21 29.18
CA ALA B 19 20.24 -14.57 28.99
C ALA B 19 20.17 -13.23 28.22
N LEU B 20 19.21 -13.14 27.30
CA LEU B 20 18.99 -11.92 26.52
C LEU B 20 18.44 -10.79 27.40
N PHE B 21 17.48 -11.09 28.28
CA PHE B 21 16.98 -10.05 29.21
C PHE B 21 18.11 -9.53 30.10
N ASP B 22 18.93 -10.46 30.60
CA ASP B 22 20.07 -10.11 31.45
C ASP B 22 21.10 -9.24 30.72
N ALA B 23 21.26 -9.45 29.40
CA ALA B 23 22.21 -8.71 28.58
C ALA B 23 21.71 -7.36 28.08
N PHE B 24 20.38 -7.20 27.98
CA PHE B 24 19.74 -5.96 27.49
C PHE B 24 18.72 -5.44 28.53
N PRO B 25 19.23 -4.99 29.69
CA PRO B 25 18.30 -4.57 30.75
C PRO B 25 17.47 -3.31 30.43
N ALA B 26 18.05 -2.32 29.75
CA ALA B 26 17.28 -1.11 29.41
C ALA B 26 16.08 -1.42 28.52
N LEU B 27 16.27 -2.24 27.50
CA LEU B 27 15.19 -2.64 26.61
C LEU B 27 14.14 -3.48 27.35
N THR B 28 14.61 -4.36 28.25
CA THR B 28 13.70 -5.16 29.07
C THR B 28 12.81 -4.25 29.96
N ALA B 29 13.44 -3.30 30.64
CA ALA B 29 12.71 -2.30 31.44
C ALA B 29 11.71 -1.47 30.59
N ARG B 30 12.16 -1.04 29.42
CA ARG B 30 11.32 -0.31 28.47
C ARG B 30 10.10 -1.13 28.02
N ALA B 31 10.28 -2.42 27.79
CA ALA B 31 9.17 -3.30 27.44
C ALA B 31 8.14 -3.36 28.58
N ASP B 32 8.62 -3.46 29.82
CA ASP B 32 7.72 -3.51 30.98
C ASP B 32 6.84 -2.26 31.07
N GLY B 33 7.42 -1.10 30.75
CA GLY B 33 6.69 0.16 30.71
C GLY B 33 5.56 0.20 29.68
N VAL B 34 5.79 -0.39 28.52
CA VAL B 34 4.75 -0.45 27.49
C VAL B 34 3.63 -1.42 27.91
N LEU B 35 4.02 -2.57 28.45
CA LEU B 35 3.08 -3.64 28.73
C LEU B 35 2.42 -3.55 30.12
N GLY B 36 3.06 -2.92 31.08
CA GLY B 36 2.53 -2.86 32.46
C GLY B 36 2.64 -4.14 33.27
N TYR B 37 3.43 -5.10 32.78
CA TYR B 37 3.78 -6.30 33.56
C TYR B 37 5.24 -6.64 33.25
N SER B 38 5.79 -7.59 33.98
CA SER B 38 7.19 -8.00 33.79
C SER B 38 7.33 -8.97 32.63
N ILE B 39 8.06 -8.56 31.59
CA ILE B 39 8.39 -9.46 30.49
C ILE B 39 9.32 -10.61 30.95
N ARG B 40 10.21 -10.33 31.91
CA ARG B 40 11.06 -11.37 32.52
C ARG B 40 10.25 -12.49 33.18
N ALA B 41 9.25 -12.09 33.98
CA ALA B 41 8.45 -13.04 34.75
C ALA B 41 7.54 -13.87 33.84
N LEU B 42 6.94 -13.22 32.84
CA LEU B 42 6.10 -13.93 31.85
C LEU B 42 6.87 -15.06 31.17
N CYS B 43 8.07 -14.73 30.71
CA CYS B 43 8.91 -15.69 30.00
C CYS B 43 9.50 -16.78 30.90
N GLN B 44 9.95 -16.42 32.10
CA GLN B 44 10.61 -17.38 33.01
C GLN B 44 9.61 -18.28 33.75
N ASP B 45 8.61 -17.67 34.38
CA ASP B 45 7.65 -18.39 35.23
C ASP B 45 6.41 -18.90 34.51
N ASP B 46 6.07 -18.30 33.37
CA ASP B 46 4.87 -18.66 32.62
C ASP B 46 3.64 -18.82 33.54
N PRO B 47 3.26 -17.76 34.26
CA PRO B 47 2.16 -17.85 35.21
C PRO B 47 0.81 -18.08 34.49
N ASP B 48 -0.01 -18.97 35.05
CA ASP B 48 -1.32 -19.35 34.46
C ASP B 48 -1.23 -19.80 32.98
N GLN B 49 -0.08 -20.35 32.59
CA GLN B 49 0.24 -20.65 31.19
C GLN B 49 -0.10 -19.48 30.23
N ARG B 50 0.17 -18.24 30.67
CA ARG B 50 -0.11 -17.05 29.85
C ARG B 50 0.68 -17.01 28.53
N LEU B 51 1.84 -17.67 28.51
CA LEU B 51 2.66 -17.75 27.31
C LEU B 51 1.96 -18.47 26.13
N SER B 52 0.98 -19.32 26.42
CA SER B 52 0.16 -19.93 25.38
C SER B 52 -1.08 -19.10 24.98
N GLN B 53 -1.30 -17.97 25.64
CA GLN B 53 -2.37 -17.03 25.28
C GLN B 53 -1.81 -15.92 24.37
N THR B 54 -2.34 -15.83 23.16
CA THR B 54 -1.76 -15.00 22.09
C THR B 54 -1.58 -13.52 22.46
N GLN B 55 -2.48 -12.97 23.29
CA GLN B 55 -2.34 -11.57 23.73
C GLN B 55 -1.02 -11.34 24.51
N PHE B 56 -0.48 -12.41 25.13
CA PHE B 56 0.83 -12.39 25.81
C PHE B 56 1.95 -13.04 24.99
N THR B 57 1.63 -14.07 24.21
CA THR B 57 2.63 -14.74 23.37
C THR B 57 3.32 -13.79 22.41
N GLN B 58 2.54 -12.86 21.83
CA GLN B 58 3.06 -11.99 20.80
C GLN B 58 4.06 -10.95 21.34
N PRO B 59 3.73 -10.22 22.42
CA PRO B 59 4.76 -9.40 23.07
C PRO B 59 6.02 -10.18 23.50
N ALA B 60 5.85 -11.38 24.06
CA ALA B 60 7.00 -12.18 24.51
C ALA B 60 7.94 -12.51 23.36
N LEU B 61 7.39 -13.05 22.28
CA LEU B 61 8.16 -13.41 21.09
C LEU B 61 8.82 -12.19 20.45
N TYR B 62 8.10 -11.07 20.40
CA TYR B 62 8.64 -9.84 19.82
C TYR B 62 9.88 -9.39 20.59
N VAL B 63 9.80 -9.39 21.93
CA VAL B 63 10.95 -8.93 22.73
C VAL B 63 12.12 -9.89 22.55
N VAL B 64 11.87 -11.19 22.63
CA VAL B 64 12.95 -12.17 22.51
C VAL B 64 13.58 -12.09 21.12
N ASN B 65 12.76 -11.95 20.08
CA ASN B 65 13.27 -11.82 18.70
C ASN B 65 14.13 -10.58 18.53
N ALA B 66 13.63 -9.45 19.04
CA ALA B 66 14.35 -8.17 18.95
C ALA B 66 15.73 -8.23 19.61
N LEU B 67 15.78 -8.75 20.84
CA LEU B 67 17.05 -8.86 21.56
C LEU B 67 17.99 -9.88 20.90
N SER B 68 17.45 -10.98 20.39
CA SER B 68 18.24 -11.97 19.64
C SER B 68 18.96 -11.32 18.44
N TYR B 69 18.25 -10.45 17.73
CA TYR B 69 18.82 -9.71 16.60
C TYR B 69 19.94 -8.76 17.04
N LEU B 70 19.70 -8.01 18.11
CA LEU B 70 20.69 -7.06 18.59
C LEU B 70 21.95 -7.79 19.07
N LYS B 71 21.77 -8.94 19.71
CA LYS B 71 22.92 -9.80 20.09
C LYS B 71 23.73 -10.18 18.85
N ARG B 72 23.06 -10.64 17.80
CA ARG B 72 23.75 -10.99 16.55
C ARG B 72 24.46 -9.81 15.89
N ARG B 73 23.87 -8.62 15.95
CA ARG B 73 24.49 -7.42 15.37
C ARG B 73 25.75 -6.98 16.11
N GLU B 74 25.80 -7.22 17.42
CA GLU B 74 27.01 -6.99 18.21
C GLU B 74 28.15 -7.93 17.77
N GLU B 75 27.78 -9.15 17.40
CA GLU B 75 28.71 -10.26 17.23
C GLU B 75 29.07 -10.62 15.79
N GLU B 76 28.22 -10.30 14.81
CA GLU B 76 28.46 -10.73 13.43
C GLU B 76 27.97 -9.70 12.41
N ALA B 77 28.37 -9.88 11.16
CA ALA B 77 28.11 -8.89 10.10
C ALA B 77 26.60 -8.74 9.85
N PRO B 78 26.16 -7.56 9.37
CA PRO B 78 24.72 -7.35 9.14
C PRO B 78 24.13 -8.37 8.14
N PRO B 79 22.84 -8.73 8.30
CA PRO B 79 22.20 -9.59 7.31
C PRO B 79 21.86 -8.80 6.04
N ASP B 80 21.71 -9.49 4.92
CA ASP B 80 21.34 -8.85 3.65
C ASP B 80 19.84 -8.76 3.46
N PHE B 81 19.10 -9.68 4.07
CA PHE B 81 17.65 -9.74 4.01
C PHE B 81 17.08 -10.21 5.34
N LEU B 82 15.83 -9.84 5.60
CA LEU B 82 15.09 -10.22 6.81
C LEU B 82 13.73 -10.81 6.41
N ALA B 83 13.26 -11.80 7.15
CA ALA B 83 11.93 -12.35 6.96
C ALA B 83 11.41 -12.88 8.28
N GLY B 84 10.16 -12.56 8.58
CA GLY B 84 9.55 -12.99 9.84
C GLY B 84 8.29 -13.78 9.61
N HIS B 85 8.05 -14.79 10.47
CA HIS B 85 6.87 -15.64 10.33
C HIS B 85 5.75 -15.04 11.16
N SER B 86 4.88 -14.30 10.49
CA SER B 86 3.65 -13.79 11.09
C SER B 86 3.94 -12.73 12.19
N LEU B 87 3.88 -13.09 13.48
CA LEU B 87 4.40 -12.18 14.52
C LEU B 87 5.83 -11.74 14.23
N GLY B 88 6.65 -12.66 13.72
CA GLY B 88 8.03 -12.39 13.36
C GLY B 88 8.30 -11.21 12.44
N GLU B 89 7.33 -10.85 11.57
CA GLU B 89 7.45 -9.66 10.69
C GLU B 89 7.68 -8.36 11.46
N PHE B 90 7.10 -8.26 12.64
CA PHE B 90 7.24 -7.06 13.48
C PHE B 90 8.68 -6.90 14.00
N SER B 91 9.29 -8.00 14.42
CA SER B 91 10.70 -7.99 14.83
C SER B 91 11.63 -7.76 13.62
N ALA B 92 11.27 -8.27 12.44
CA ALA B 92 12.00 -7.96 11.20
C ALA B 92 11.99 -6.47 10.87
N LEU B 93 10.82 -5.85 10.95
CA LEU B 93 10.66 -4.41 10.66
C LEU B 93 11.39 -3.56 11.70
N PHE B 94 11.36 -3.99 12.96
CA PHE B 94 12.18 -3.37 13.99
C PHE B 94 13.66 -3.42 13.64
N ALA B 95 14.14 -4.62 13.31
CA ALA B 95 15.53 -4.81 12.88
C ALA B 95 15.91 -3.92 11.70
N ALA B 96 14.96 -3.71 10.77
CA ALA B 96 15.18 -2.86 9.61
C ALA B 96 15.05 -1.35 9.88
N GLY B 97 14.75 -0.95 11.13
CA GLY B 97 14.63 0.48 11.49
C GLY B 97 13.34 1.18 11.07
N VAL B 98 12.28 0.40 10.79
CA VAL B 98 10.99 0.95 10.32
C VAL B 98 10.25 1.66 11.47
N PHE B 99 10.41 1.14 12.68
CA PHE B 99 9.91 1.77 13.89
C PHE B 99 10.84 1.43 15.05
N ASP B 100 10.75 2.20 16.13
CA ASP B 100 11.56 1.91 17.33
C ASP B 100 10.98 0.74 18.14
N PHE B 101 11.75 0.31 19.14
CA PHE B 101 11.41 -0.86 19.94
C PHE B 101 10.02 -0.76 20.57
N GLU B 102 9.75 0.39 21.20
CA GLU B 102 8.47 0.63 21.89
C GLU B 102 7.28 0.60 20.94
N THR B 103 7.45 1.20 19.76
CA THR B 103 6.38 1.25 18.76
C THR B 103 6.04 -0.16 18.27
N GLY B 104 7.04 -0.92 17.86
CA GLY B 104 6.82 -2.31 17.49
C GLY B 104 6.09 -3.11 18.55
N LEU B 105 6.47 -2.93 19.81
CA LEU B 105 5.83 -3.66 20.90
C LEU B 105 4.35 -3.28 21.08
N ALA B 106 4.05 -1.99 20.96
CA ALA B 106 2.65 -1.51 21.00
C ALA B 106 1.82 -2.08 19.84
N LEU B 107 2.43 -2.22 18.66
CA LEU B 107 1.75 -2.82 17.51
C LEU B 107 1.43 -4.30 17.78
N VAL B 108 2.38 -5.04 18.36
CA VAL B 108 2.15 -6.49 18.57
C VAL B 108 1.19 -6.73 19.74
N LYS B 109 1.23 -5.86 20.74
CA LYS B 109 0.24 -5.87 21.82
C LYS B 109 -1.18 -5.74 21.23
N LYS B 110 -1.36 -4.79 20.31
CA LYS B 110 -2.65 -4.62 19.63
C LYS B 110 -3.02 -5.84 18.79
N ARG B 111 -2.05 -6.33 18.00
CA ARG B 111 -2.28 -7.55 17.20
C ARG B 111 -2.72 -8.72 18.07
N GLY B 112 -2.05 -8.89 19.22
CA GLY B 112 -2.44 -9.91 20.19
C GLY B 112 -3.86 -9.78 20.72
N GLU B 113 -4.25 -8.54 21.04
CA GLU B 113 -5.61 -8.26 21.47
C GLU B 113 -6.63 -8.56 20.37
N LEU B 114 -6.38 -8.07 19.16
CA LEU B 114 -7.29 -8.31 18.03
C LEU B 114 -7.48 -9.79 17.72
N MET B 115 -6.38 -10.53 17.67
CA MET B 115 -6.43 -11.96 17.35
C MET B 115 -7.00 -12.76 18.52
N GLY B 116 -6.66 -12.38 19.75
CA GLY B 116 -7.20 -13.01 20.95
C GLY B 116 -8.69 -12.83 21.07
N ASP B 117 -9.18 -11.63 20.75
CA ASP B 117 -10.61 -11.30 20.78
C ASP B 117 -11.43 -11.82 19.57
N ALA B 118 -10.77 -12.22 18.48
CA ALA B 118 -11.46 -12.70 17.29
C ALA B 118 -12.20 -14.01 17.55
N ARG B 119 -13.34 -14.18 16.87
CA ARG B 119 -14.19 -15.36 17.04
C ARG B 119 -14.67 -15.86 15.69
N GLY B 120 -14.81 -17.18 15.57
CA GLY B 120 -15.36 -17.81 14.39
C GLY B 120 -14.33 -18.64 13.63
N GLY B 121 -14.61 -19.93 13.48
CA GLY B 121 -13.76 -20.82 12.72
C GLY B 121 -12.59 -21.35 13.54
N GLY B 122 -11.77 -22.17 12.89
CA GLY B 122 -10.59 -22.77 13.50
C GLY B 122 -9.53 -23.10 12.47
N MET B 123 -8.51 -23.82 12.92
CA MET B 123 -7.33 -24.10 12.08
C MET B 123 -6.80 -25.50 12.35
N ALA B 124 -6.11 -26.06 11.37
CA ALA B 124 -5.39 -27.33 11.53
C ALA B 124 -4.04 -27.29 10.84
N ALA B 125 -3.00 -27.70 11.57
CA ALA B 125 -1.66 -27.90 10.99
C ALA B 125 -1.62 -29.28 10.35
N VAL B 126 -1.06 -29.36 9.15
CA VAL B 126 -0.95 -30.62 8.41
C VAL B 126 0.50 -30.89 8.06
N ILE B 127 0.96 -32.12 8.31
CA ILE B 127 2.32 -32.57 7.98
C ILE B 127 2.23 -33.74 7.00
N GLY B 128 3.01 -33.67 5.93
CA GLY B 128 3.18 -34.78 4.99
C GLY B 128 2.60 -34.57 3.60
N LEU B 129 1.87 -33.47 3.39
CA LEU B 129 1.20 -33.21 2.10
C LEU B 129 1.62 -31.85 1.53
N ASP B 130 1.73 -31.77 0.20
CA ASP B 130 2.07 -30.50 -0.44
C ASP B 130 0.83 -29.65 -0.72
N GLU B 131 1.06 -28.40 -1.11
CA GLU B 131 0.00 -27.43 -1.37
C GLU B 131 -1.06 -27.95 -2.32
N GLU B 132 -0.61 -28.41 -3.49
CA GLU B 132 -1.50 -28.92 -4.53
C GLU B 132 -2.42 -30.04 -4.01
N ARG B 133 -1.86 -30.94 -3.23
CA ARG B 133 -2.61 -32.09 -2.68
C ARG B 133 -3.64 -31.62 -1.64
N VAL B 134 -3.24 -30.68 -0.79
CA VAL B 134 -4.17 -30.08 0.17
C VAL B 134 -5.35 -29.40 -0.56
N ARG B 135 -5.07 -28.60 -1.58
CA ARG B 135 -6.13 -27.94 -2.38
C ARG B 135 -7.09 -28.96 -3.01
N GLU B 136 -6.52 -30.01 -3.62
CA GLU B 136 -7.29 -31.13 -4.18
C GLU B 136 -8.22 -31.74 -3.13
N LEU B 137 -7.69 -32.00 -1.94
CA LEU B 137 -8.45 -32.63 -0.86
C LEU B 137 -9.59 -31.75 -0.32
N LEU B 138 -9.36 -30.44 -0.26
CA LEU B 138 -10.40 -29.50 0.15
C LEU B 138 -11.57 -29.50 -0.84
N ASP B 139 -11.26 -29.47 -2.13
CA ASP B 139 -12.30 -29.54 -3.18
C ASP B 139 -13.03 -30.89 -3.18
N GLN B 140 -12.25 -31.98 -3.17
CA GLN B 140 -12.80 -33.35 -3.20
C GLN B 140 -13.75 -33.63 -2.03
N ASN B 141 -13.43 -33.10 -0.85
CA ASN B 141 -14.28 -33.27 0.34
C ASN B 141 -15.28 -32.11 0.59
N GLY B 142 -15.50 -31.26 -0.41
CA GLY B 142 -16.51 -30.20 -0.34
C GLY B 142 -16.33 -29.17 0.77
N ALA B 143 -15.09 -28.90 1.13
CA ALA B 143 -14.79 -27.97 2.23
C ALA B 143 -14.65 -26.54 1.69
N THR B 144 -15.75 -26.01 1.19
CA THR B 144 -15.75 -24.70 0.52
C THR B 144 -15.63 -23.51 1.47
N ALA B 145 -15.70 -23.72 2.79
CA ALA B 145 -15.38 -22.68 3.78
C ALA B 145 -14.03 -22.91 4.48
N VAL B 146 -13.09 -23.58 3.81
CA VAL B 146 -11.73 -23.81 4.33
C VAL B 146 -10.75 -23.43 3.23
N ASP B 147 -9.66 -22.77 3.62
CA ASP B 147 -8.60 -22.34 2.71
C ASP B 147 -7.27 -22.60 3.36
N ILE B 148 -6.22 -22.51 2.56
CA ILE B 148 -4.86 -22.59 3.07
C ILE B 148 -4.48 -21.26 3.77
N ALA B 149 -4.06 -21.37 5.02
CA ALA B 149 -3.67 -20.23 5.85
C ALA B 149 -2.14 -20.01 5.89
N ASN B 150 -1.36 -21.09 5.95
CA ASN B 150 0.12 -21.02 5.99
C ASN B 150 0.69 -22.02 4.99
N LEU B 151 1.61 -21.55 4.16
CA LEU B 151 2.44 -22.42 3.34
C LEU B 151 3.85 -22.40 3.98
N ASN B 152 4.12 -23.37 4.85
CA ASN B 152 5.31 -23.30 5.71
C ASN B 152 6.51 -24.06 5.14
N SER B 153 6.26 -25.21 4.55
CA SER B 153 7.29 -25.93 3.80
C SER B 153 6.60 -26.77 2.72
N PRO B 154 7.39 -27.47 1.87
CA PRO B 154 6.73 -28.30 0.86
C PRO B 154 5.85 -29.42 1.42
N SER B 155 6.07 -29.80 2.67
CA SER B 155 5.26 -30.84 3.32
C SER B 155 4.55 -30.33 4.59
N GLN B 156 4.44 -29.01 4.78
CA GLN B 156 3.81 -28.45 5.97
C GLN B 156 2.93 -27.27 5.62
N VAL B 157 1.63 -27.44 5.89
CA VAL B 157 0.58 -26.52 5.46
C VAL B 157 -0.42 -26.40 6.63
N VAL B 158 -0.83 -25.18 6.96
CA VAL B 158 -1.90 -24.94 7.93
C VAL B 158 -3.15 -24.50 7.18
N ILE B 159 -4.29 -25.11 7.52
CA ILE B 159 -5.57 -24.78 6.90
C ILE B 159 -6.44 -24.06 7.92
N SER B 160 -7.44 -23.35 7.43
CA SER B 160 -8.20 -22.42 8.25
C SER B 160 -9.61 -22.22 7.68
N GLY B 161 -10.62 -22.22 8.55
CA GLY B 161 -12.02 -22.02 8.13
C GLY B 161 -13.06 -22.53 9.11
N ALA B 162 -14.24 -22.87 8.59
CA ALA B 162 -15.36 -23.35 9.42
C ALA B 162 -14.94 -24.54 10.30
N LYS B 163 -15.29 -24.46 11.60
CA LYS B 163 -14.88 -25.47 12.57
C LYS B 163 -15.36 -26.87 12.21
N ASP B 164 -16.62 -26.97 11.76
CA ASP B 164 -17.19 -28.29 11.42
C ASP B 164 -16.47 -28.93 10.21
N GLU B 165 -16.02 -28.11 9.25
CA GLU B 165 -15.27 -28.64 8.11
C GLU B 165 -13.83 -29.00 8.53
N ILE B 166 -13.18 -28.15 9.32
CA ILE B 166 -11.87 -28.48 9.90
C ILE B 166 -11.91 -29.84 10.64
N ALA B 167 -12.94 -30.06 11.45
CA ALA B 167 -13.07 -31.32 12.18
C ALA B 167 -13.21 -32.53 11.25
N ARG B 168 -14.11 -32.45 10.26
CA ARG B 168 -14.36 -33.62 9.41
C ARG B 168 -13.32 -33.88 8.31
N LEU B 169 -12.44 -32.92 8.04
CA LEU B 169 -11.32 -33.15 7.10
C LEU B 169 -10.20 -34.06 7.64
N GLN B 170 -10.16 -34.29 8.95
CA GLN B 170 -9.05 -35.02 9.56
C GLN B 170 -8.88 -36.43 8.97
N VAL B 171 -9.97 -37.18 8.94
CA VAL B 171 -9.97 -38.57 8.46
C VAL B 171 -9.53 -38.70 6.99
N PRO B 172 -10.17 -37.98 6.05
CA PRO B 172 -9.67 -38.06 4.67
C PRO B 172 -8.23 -37.54 4.45
N PHE B 173 -7.82 -36.50 5.18
CA PHE B 173 -6.42 -36.02 5.10
C PHE B 173 -5.42 -37.09 5.56
N GLU B 174 -5.69 -37.71 6.70
CA GLU B 174 -4.86 -38.82 7.21
C GLU B 174 -4.86 -40.01 6.25
N ALA B 175 -6.03 -40.36 5.71
CA ALA B 175 -6.14 -41.40 4.67
C ALA B 175 -5.29 -41.11 3.43
N ALA B 176 -5.21 -39.83 3.04
CA ALA B 176 -4.44 -39.40 1.85
C ALA B 176 -2.93 -39.32 2.06
N GLY B 177 -2.45 -39.56 3.29
CA GLY B 177 -1.02 -39.61 3.58
C GLY B 177 -0.48 -38.58 4.55
N ALA B 178 -1.35 -37.73 5.12
CA ALA B 178 -0.91 -36.80 6.16
C ALA B 178 -0.38 -37.59 7.34
N LYS B 179 0.87 -37.34 7.74
CA LYS B 179 1.47 -38.01 8.88
C LYS B 179 0.92 -37.46 10.19
N LYS B 180 0.51 -36.18 10.17
CA LYS B 180 -0.13 -35.54 11.31
C LYS B 180 -1.16 -34.50 10.85
N TYR B 181 -2.30 -34.48 11.55
CA TYR B 181 -3.37 -33.50 11.36
C TYR B 181 -3.80 -33.06 12.75
N THR B 182 -3.50 -31.82 13.11
CA THR B 182 -3.71 -31.36 14.47
C THR B 182 -4.58 -30.11 14.48
N VAL B 183 -5.74 -30.20 15.12
CA VAL B 183 -6.65 -29.07 15.28
C VAL B 183 -6.05 -28.14 16.33
N LEU B 184 -5.77 -26.89 15.95
CA LEU B 184 -5.04 -25.97 16.82
C LEU B 184 -5.95 -25.32 17.85
N ARG B 185 -5.37 -24.93 18.98
CA ARG B 185 -6.07 -24.14 19.98
C ARG B 185 -5.87 -22.68 19.62
N VAL B 186 -6.81 -22.15 18.84
CA VAL B 186 -6.80 -20.74 18.42
C VAL B 186 -8.23 -20.22 18.55
N SER B 187 -8.37 -18.91 18.73
CA SER B 187 -9.70 -18.33 18.92
C SER B 187 -10.54 -18.21 17.62
N ALA B 188 -9.90 -18.34 16.46
CA ALA B 188 -10.56 -18.08 15.17
C ALA B 188 -9.80 -18.62 13.97
N ALA B 189 -10.45 -18.58 12.81
CA ALA B 189 -9.85 -18.98 11.53
C ALA B 189 -8.96 -17.85 11.01
N PHE B 190 -7.72 -17.81 11.49
CA PHE B 190 -6.75 -16.80 11.07
C PHE B 190 -6.33 -17.01 9.62
N HIS B 191 -5.96 -15.90 8.97
CA HIS B 191 -5.39 -15.88 7.62
C HIS B 191 -6.37 -16.28 6.53
N SER B 192 -7.66 -16.07 6.80
CA SER B 192 -8.72 -16.20 5.81
C SER B 192 -9.43 -14.86 5.73
N ARG B 193 -10.03 -14.57 4.58
CA ARG B 193 -10.89 -13.38 4.41
C ARG B 193 -12.05 -13.32 5.44
N PHE B 194 -12.28 -14.42 6.16
CA PHE B 194 -12.92 -14.40 7.48
C PHE B 194 -12.47 -13.23 8.40
N MET B 195 -11.15 -13.09 8.61
CA MET B 195 -10.56 -12.07 9.52
C MET B 195 -10.59 -10.61 9.03
N ARG B 196 -11.37 -10.33 7.99
CA ARG B 196 -11.40 -9.00 7.38
C ARG B 196 -11.77 -7.85 8.32
N PRO B 197 -12.73 -8.04 9.24
CA PRO B 197 -13.00 -6.97 10.21
C PRO B 197 -11.79 -6.60 11.08
N ALA B 198 -11.08 -7.61 11.57
CA ALA B 198 -9.81 -7.38 12.31
C ALA B 198 -8.71 -6.73 11.45
N MET B 199 -8.61 -7.17 10.20
CA MET B 199 -7.74 -6.52 9.21
C MET B 199 -8.04 -5.02 9.10
N VAL B 200 -9.32 -4.69 8.94
CA VAL B 200 -9.75 -3.30 8.76
C VAL B 200 -9.42 -2.49 10.01
N GLU B 201 -9.78 -3.04 11.17
CA GLU B 201 -9.49 -2.42 12.46
C GLU B 201 -8.00 -2.17 12.68
N PHE B 202 -7.18 -3.17 12.34
CA PHE B 202 -5.73 -3.04 12.49
C PHE B 202 -5.14 -2.00 11.55
N GLY B 203 -5.62 -1.97 10.31
CA GLY B 203 -5.22 -0.94 9.35
C GLY B 203 -5.49 0.48 9.86
N ARG B 204 -6.67 0.67 10.44
CA ARG B 204 -7.04 1.97 11.05
C ARG B 204 -6.16 2.34 12.23
N PHE B 205 -5.86 1.36 13.08
CA PHE B 205 -4.93 1.56 14.20
C PHE B 205 -3.55 2.01 13.69
N LEU B 206 -3.07 1.41 12.61
CA LEU B 206 -1.76 1.75 12.06
C LEU B 206 -1.66 3.15 11.42
N GLU B 207 -2.81 3.76 11.11
CA GLU B 207 -2.82 5.15 10.59
C GLU B 207 -2.26 6.18 11.58
N GLY B 208 -2.40 5.88 12.87
CA GLY B 208 -1.88 6.73 13.92
C GLY B 208 -0.38 6.75 14.07
N TYR B 209 0.33 5.82 13.43
CA TYR B 209 1.80 5.75 13.53
C TYR B 209 2.46 6.33 12.29
N ASP B 210 3.74 6.69 12.45
CA ASP B 210 4.57 7.25 11.37
C ASP B 210 5.76 6.30 11.22
N PHE B 211 5.93 5.72 10.02
CA PHE B 211 7.00 4.74 9.78
C PHE B 211 8.18 5.29 9.00
N ALA B 212 9.35 4.70 9.23
CA ALA B 212 10.58 5.03 8.53
C ALA B 212 10.88 3.97 7.46
N PRO B 213 11.71 4.32 6.46
CA PRO B 213 11.97 3.33 5.40
C PRO B 213 12.88 2.21 5.89
N PRO B 214 12.69 0.97 5.38
CA PRO B 214 13.52 -0.13 5.84
C PRO B 214 14.98 0.01 5.38
N LYS B 215 15.92 -0.21 6.29
CA LYS B 215 17.34 -0.11 5.98
C LYS B 215 17.92 -1.42 5.45
N ILE B 216 17.20 -2.52 5.70
CA ILE B 216 17.51 -3.85 5.17
C ILE B 216 16.17 -4.38 4.62
N PRO B 217 16.17 -4.99 3.42
CA PRO B 217 14.86 -5.41 2.88
C PRO B 217 14.18 -6.50 3.72
N VAL B 218 12.86 -6.40 3.85
CA VAL B 218 12.05 -7.34 4.62
C VAL B 218 11.07 -8.01 3.65
N ILE B 219 11.10 -9.35 3.60
CA ILE B 219 10.24 -10.10 2.69
C ILE B 219 8.86 -10.27 3.34
N SER B 220 7.82 -9.77 2.67
CA SER B 220 6.42 -9.79 3.20
C SER B 220 5.78 -11.18 3.11
N ASN B 221 5.11 -11.59 4.18
CA ASN B 221 4.30 -12.84 4.22
C ASN B 221 3.15 -12.83 3.17
N VAL B 222 2.63 -11.64 2.88
CA VAL B 222 1.49 -11.48 1.96
C VAL B 222 1.90 -11.71 0.50
N THR B 223 2.99 -11.05 0.09
CA THR B 223 3.43 -11.03 -1.32
C THR B 223 4.60 -11.96 -1.63
N ALA B 224 5.31 -12.42 -0.59
CA ALA B 224 6.58 -13.16 -0.73
C ALA B 224 7.65 -12.36 -1.47
N ARG B 225 7.59 -11.03 -1.33
CA ARG B 225 8.50 -10.08 -1.99
C ARG B 225 8.84 -8.96 -1.01
N PRO B 226 9.90 -8.18 -1.29
CA PRO B 226 10.26 -7.10 -0.36
C PRO B 226 9.09 -6.15 -0.08
N CYS B 227 8.91 -5.78 1.19
CA CYS B 227 7.98 -4.72 1.56
C CYS B 227 8.38 -3.40 0.93
N LYS B 228 7.41 -2.66 0.43
CA LYS B 228 7.67 -1.31 -0.06
C LYS B 228 7.60 -0.37 1.12
N ALA B 229 8.42 0.67 1.09
CA ALA B 229 8.46 1.64 2.17
C ALA B 229 7.10 2.29 2.41
N ASP B 230 6.35 2.55 1.33
CA ASP B 230 5.00 3.15 1.41
C ASP B 230 3.86 2.13 1.69
N GLY B 231 4.22 0.87 1.92
CA GLY B 231 3.26 -0.23 2.00
C GLY B 231 3.24 -0.95 3.34
N ILE B 232 3.82 -0.34 4.38
CA ILE B 232 3.96 -1.02 5.69
C ILE B 232 2.59 -1.40 6.26
N ARG B 233 1.63 -0.49 6.18
CA ARG B 233 0.31 -0.71 6.77
C ARG B 233 -0.48 -1.82 6.08
N ALA B 234 -0.43 -1.84 4.75
CA ALA B 234 -1.04 -2.94 3.97
C ALA B 234 -0.36 -4.27 4.24
N ALA B 235 0.96 -4.28 4.32
CA ALA B 235 1.70 -5.50 4.59
C ALA B 235 1.32 -6.09 5.94
N LEU B 236 1.17 -5.26 6.96
CA LEU B 236 0.88 -5.76 8.32
C LEU B 236 -0.60 -6.08 8.56
N SER B 237 -1.47 -5.18 8.08
CA SER B 237 -2.91 -5.34 8.28
C SER B 237 -3.48 -6.48 7.44
N GLU B 238 -3.12 -6.55 6.17
CA GLU B 238 -3.65 -7.60 5.30
C GLU B 238 -3.13 -8.99 5.65
N GLN B 239 -1.94 -9.05 6.26
CA GLN B 239 -1.32 -10.31 6.66
C GLN B 239 -2.28 -11.18 7.46
N ILE B 240 -3.06 -10.58 8.36
CA ILE B 240 -3.88 -11.40 9.28
C ILE B 240 -5.10 -12.04 8.60
N ALA B 241 -5.43 -11.58 7.41
CA ALA B 241 -6.52 -12.13 6.58
C ALA B 241 -6.04 -12.72 5.26
N SER B 242 -4.73 -12.94 5.11
CA SER B 242 -4.18 -13.46 3.85
C SER B 242 -3.35 -14.71 4.15
N PRO B 243 -3.18 -15.59 3.14
CA PRO B 243 -2.26 -16.73 3.31
C PRO B 243 -0.81 -16.30 3.63
N VAL B 244 -0.18 -16.99 4.59
CA VAL B 244 1.21 -16.75 4.96
C VAL B 244 2.12 -17.51 4.00
N ARG B 245 2.77 -16.78 3.09
CA ARG B 245 3.55 -17.41 2.04
C ARG B 245 5.03 -17.55 2.46
N TRP B 246 5.25 -18.33 3.51
CA TRP B 246 6.58 -18.47 4.09
C TRP B 246 7.52 -19.24 3.17
N CYS B 247 7.08 -20.41 2.70
CA CYS B 247 7.87 -21.23 1.77
C CYS B 247 8.31 -20.45 0.53
N GLU B 248 7.38 -19.75 -0.12
CA GLU B 248 7.72 -18.92 -1.30
C GLU B 248 8.68 -17.79 -0.96
N SER B 249 8.58 -17.23 0.25
CA SER B 249 9.48 -16.17 0.70
C SER B 249 10.92 -16.67 0.79
N ILE B 250 11.11 -17.85 1.38
CA ILE B 250 12.43 -18.47 1.50
C ILE B 250 12.98 -18.82 0.11
N ARG B 251 12.13 -19.39 -0.75
CA ARG B 251 12.53 -19.71 -2.12
C ARG B 251 12.87 -18.46 -2.95
N TYR B 252 12.15 -17.37 -2.74
CA TYR B 252 12.49 -16.08 -3.36
C TYR B 252 13.91 -15.64 -2.97
N LEU B 253 14.23 -15.74 -1.68
CA LEU B 253 15.56 -15.39 -1.20
C LEU B 253 16.66 -16.31 -1.75
N MET B 254 16.41 -17.62 -1.82
CA MET B 254 17.34 -18.58 -2.44
C MET B 254 17.56 -18.24 -3.92
N GLY B 255 16.46 -17.96 -4.63
CA GLY B 255 16.51 -17.55 -6.04
C GLY B 255 17.29 -16.26 -6.32
N ARG B 256 17.41 -15.40 -5.32
CA ARG B 256 18.23 -14.18 -5.39
C ARG B 256 19.69 -14.33 -4.93
N GLY B 257 20.10 -15.55 -4.58
CA GLY B 257 21.49 -15.82 -4.23
C GLY B 257 21.81 -15.80 -2.74
N VAL B 258 20.80 -15.83 -1.87
CA VAL B 258 21.04 -15.98 -0.43
C VAL B 258 21.29 -17.47 -0.16
N GLU B 259 22.46 -17.81 0.37
CA GLU B 259 22.77 -19.19 0.74
C GLU B 259 22.76 -19.45 2.25
N GLU B 260 22.92 -18.43 3.07
CA GLU B 260 22.92 -18.59 4.52
C GLU B 260 21.61 -18.08 5.16
N PHE B 261 20.90 -18.97 5.85
CA PHE B 261 19.67 -18.65 6.56
C PHE B 261 19.85 -18.96 8.05
N VAL B 262 19.66 -17.94 8.88
CA VAL B 262 19.92 -18.01 10.31
C VAL B 262 18.65 -17.65 11.07
N GLU B 263 18.24 -18.52 11.99
CA GLU B 263 17.07 -18.26 12.81
C GLU B 263 17.43 -17.33 13.96
N CYS B 264 16.61 -16.32 14.15
CA CYS B 264 16.92 -15.21 15.04
C CYS B 264 15.78 -15.05 16.05
N GLY B 265 15.95 -15.71 17.20
CA GLY B 265 14.86 -15.85 18.19
C GLY B 265 14.96 -17.18 18.90
N HIS B 266 14.03 -17.46 19.81
CA HIS B 266 14.06 -18.73 20.55
C HIS B 266 13.68 -19.94 19.69
N GLY B 267 14.43 -21.03 19.84
CA GLY B 267 14.06 -22.32 19.28
C GLY B 267 14.58 -22.58 17.88
N ILE B 268 14.11 -23.66 17.28
CA ILE B 268 14.62 -24.15 15.99
C ILE B 268 13.50 -24.38 14.95
N VAL B 269 12.36 -23.72 15.13
CA VAL B 269 11.18 -24.00 14.29
C VAL B 269 11.44 -23.63 12.83
N LEU B 270 11.87 -22.40 12.59
CA LEU B 270 12.15 -21.93 11.21
C LEU B 270 13.40 -22.59 10.59
N THR B 271 14.33 -23.03 11.43
CA THR B 271 15.49 -23.80 10.98
C THR B 271 15.02 -25.14 10.39
N GLY B 272 14.10 -25.80 11.10
CA GLY B 272 13.50 -27.05 10.62
C GLY B 272 12.79 -26.87 9.28
N LEU B 273 12.00 -25.81 9.16
CA LEU B 273 11.27 -25.55 7.89
C LEU B 273 12.24 -25.28 6.75
N TYR B 274 13.30 -24.52 7.02
CA TYR B 274 14.30 -24.19 6.01
C TYR B 274 15.00 -25.44 5.45
N ALA B 275 15.37 -26.36 6.33
CA ALA B 275 15.98 -27.63 5.91
C ALA B 275 15.08 -28.38 4.93
N GLN B 276 13.77 -28.41 5.20
CA GLN B 276 12.82 -29.02 4.29
C GLN B 276 12.68 -28.24 2.97
N ILE B 277 12.66 -26.91 3.03
CA ILE B 277 12.57 -26.08 1.83
C ILE B 277 13.83 -26.26 0.95
N ARG B 278 15.00 -26.19 1.57
CA ARG B 278 16.28 -26.36 0.86
C ARG B 278 16.38 -27.74 0.20
N ARG B 279 16.07 -28.79 0.97
CA ARG B 279 16.12 -30.17 0.46
C ARG B 279 15.26 -30.35 -0.78
N ASP B 280 14.07 -29.76 -0.77
CA ASP B 280 13.18 -29.80 -1.93
C ASP B 280 13.68 -28.99 -3.13
N ALA B 281 14.32 -27.85 -2.87
CA ALA B 281 14.86 -26.98 -3.94
C ALA B 281 16.18 -27.53 -4.51
C1 MLI C . 0.21 16.94 -14.50
C2 MLI C . 0.03 15.75 -15.41
C3 MLI C . 0.20 16.52 -13.04
O6 MLI C . 0.98 15.40 -16.16
O7 MLI C . -1.05 15.14 -15.37
O8 MLI C . 0.58 15.36 -12.73
O9 MLI C . -0.17 17.33 -12.16
C1 GOL D . 19.13 18.11 -18.37
O1 GOL D . 18.98 19.06 -17.32
C2 GOL D . 17.81 17.38 -18.59
O2 GOL D . 16.73 18.31 -18.60
C3 GOL D . 17.81 16.66 -19.93
O3 GOL D . 16.61 15.90 -20.09
S SO4 E . -16.25 27.83 -12.12
O1 SO4 E . -15.70 26.51 -11.72
O2 SO4 E . -15.20 28.68 -12.69
O3 SO4 E . -17.30 27.62 -13.14
O4 SO4 E . -16.83 28.49 -10.92
CA CA F . 0.49 8.75 10.61
C1 MLI G . -0.23 -17.50 13.85
C2 MLI G . -0.13 -18.12 12.48
C3 MLI G . -0.22 -15.99 13.70
O6 MLI G . 0.91 -17.94 11.82
O7 MLI G . -1.10 -18.79 12.04
O8 MLI G . 0.22 -15.26 14.62
O9 MLI G . -0.66 -15.50 12.63
C1 GOL H . -19.14 -20.67 15.44
O1 GOL H . -18.58 -20.45 16.74
C2 GOL H . -18.02 -20.85 14.41
O2 GOL H . -16.78 -21.10 15.07
C3 GOL H . -18.32 -22.02 13.47
O3 GOL H . -17.24 -22.20 12.55
S SO4 I . 16.75 -18.03 23.88
O1 SO4 I . 17.62 -19.13 23.39
O2 SO4 I . 17.52 -17.08 24.70
O3 SO4 I . 15.66 -18.63 24.68
O4 SO4 I . 16.18 -17.31 22.72
#